data_5C26
#
_entry.id   5C26
#
_cell.length_a   39.990
_cell.length_b   85.720
_cell.length_c   89.960
_cell.angle_alpha   90.00
_cell.angle_beta   90.00
_cell.angle_gamma   90.00
#
_symmetry.space_group_name_H-M   'P 21 21 21'
#
loop_
_entity.id
_entity.type
_entity.pdbx_description
1 polymer 'Tyrosine-protein kinase SYK'
2 polymer GLU-VAL-PTR-GLU-SER-PRO
3 non-polymer 3-{8-[(3,4-dimethoxyphenyl)amino]imidazo[1,2-a]pyrazin-6-yl}benzamide
4 water water
#
loop_
_entity_poly.entity_id
_entity_poly.type
_entity_poly.pdbx_seq_one_letter_code
_entity_poly.pdbx_strand_id
1 'polypeptide(L)'
;MDTEVYESPYADPEEIRPKEVYLDRKLLTLEDKELGSGNFGTVKKGYYQMKKVVKTVAVKILKNEANDPALKDELLAEAN
VMQQLDNPYIVRMIGICEAESWMLVMEMAELGPLNKYLQQNRHVKDKNIIELVHQVSMGMKYLEESNFVHRDLAARNVLL
VTQHYAKISDFGLSKALRADEN(PTR)(PTR)KAQTHGKWPVKWYAPECINYYKFSSKSDVWSFGVLMWEAFSYGQKPYR
GMKGSEVTAMLEKGERMGCPAGCPREMYDLMNLCWTYDVENRPGFAAVELRLRNYYYDVVNHHHHHH
;
A
2 'polypeptide(L)' EV(PTR)ESP B
#
loop_
_chem_comp.id
_chem_comp.type
_chem_comp.name
_chem_comp.formula
50H non-polymer 3-{8-[(3,4-dimethoxyphenyl)amino]imidazo[1,2-a]pyrazin-6-yl}benzamide 'C21 H19 N5 O3'
#
# COMPACT_ATOMS: atom_id res chain seq x y z
N VAL A 21 18.00 -12.38 10.08
CA VAL A 21 17.63 -11.54 8.94
C VAL A 21 18.36 -11.94 7.65
N TYR A 22 19.57 -12.54 7.78
CA TYR A 22 20.35 -12.99 6.62
C TYR A 22 20.02 -14.43 6.27
N LEU A 23 19.62 -14.65 5.02
CA LEU A 23 19.22 -15.97 4.53
C LEU A 23 20.31 -16.63 3.74
N ASP A 24 20.17 -17.96 3.56
CA ASP A 24 21.12 -18.80 2.85
C ASP A 24 20.67 -19.05 1.41
N ARG A 25 21.44 -18.54 0.42
CA ARG A 25 21.12 -18.73 -1.00
C ARG A 25 20.86 -20.21 -1.38
N LYS A 26 21.54 -21.17 -0.71
CA LYS A 26 21.39 -22.63 -0.94
C LYS A 26 19.97 -23.10 -0.61
N LEU A 27 19.34 -22.50 0.44
CA LEU A 27 17.99 -22.83 0.90
C LEU A 27 16.85 -22.17 0.09
N LEU A 28 17.20 -21.35 -0.91
CA LEU A 28 16.24 -20.62 -1.75
C LEU A 28 16.21 -21.16 -3.17
N THR A 29 15.01 -21.53 -3.65
CA THR A 29 14.83 -22.03 -5.02
C THR A 29 13.95 -21.06 -5.80
N LEU A 30 14.53 -20.33 -6.76
CA LEU A 30 13.81 -19.36 -7.59
C LEU A 30 13.27 -19.96 -8.88
N GLU A 31 12.06 -19.54 -9.29
CA GLU A 31 11.44 -19.96 -10.55
C GLU A 31 11.98 -19.07 -11.68
N ASP A 32 11.93 -19.55 -12.92
CA ASP A 32 12.37 -18.76 -14.07
C ASP A 32 11.30 -17.71 -14.41
N LYS A 33 10.03 -17.99 -14.07
CA LYS A 33 8.90 -17.09 -14.28
C LYS A 33 8.96 -15.89 -13.31
N GLU A 34 9.01 -14.70 -13.91
CA GLU A 34 9.07 -13.39 -13.27
C GLU A 34 7.62 -12.91 -13.03
N LEU A 35 7.28 -12.58 -11.76
CA LEU A 35 5.95 -12.10 -11.38
C LEU A 35 5.66 -10.68 -11.87
N GLY A 36 6.69 -9.82 -11.78
CA GLY A 36 6.64 -8.43 -12.19
C GLY A 36 8.02 -7.81 -12.26
N SER A 37 8.10 -6.58 -12.80
CA SER A 37 9.37 -5.85 -12.94
C SER A 37 9.20 -4.34 -12.92
N GLY A 38 10.12 -3.68 -12.22
CA GLY A 38 10.18 -2.23 -12.10
C GLY A 38 11.55 -1.67 -12.40
N ASN A 39 11.80 -0.41 -11.99
CA ASN A 39 13.11 0.22 -12.21
C ASN A 39 14.15 -0.30 -11.22
N PHE A 40 13.69 -0.86 -10.08
CA PHE A 40 14.52 -1.47 -9.05
C PHE A 40 15.12 -2.79 -9.54
N GLY A 41 14.37 -3.48 -10.40
CA GLY A 41 14.72 -4.79 -10.95
C GLY A 41 13.50 -5.65 -11.20
N THR A 42 13.51 -6.88 -10.65
CA THR A 42 12.42 -7.86 -10.84
C THR A 42 11.89 -8.48 -9.52
N VAL A 43 10.72 -9.13 -9.60
CA VAL A 43 10.07 -9.87 -8.53
C VAL A 43 9.82 -11.28 -9.09
N LYS A 44 10.33 -12.30 -8.40
CA LYS A 44 10.20 -13.71 -8.78
C LYS A 44 9.57 -14.53 -7.69
N LYS A 45 8.86 -15.58 -8.09
CA LYS A 45 8.29 -16.55 -7.17
C LYS A 45 9.43 -17.54 -6.83
N GLY A 46 9.38 -18.11 -5.63
CA GLY A 46 10.33 -19.10 -5.16
C GLY A 46 9.83 -19.85 -3.95
N TYR A 47 10.68 -20.72 -3.40
CA TYR A 47 10.39 -21.50 -2.20
C TYR A 47 11.61 -21.47 -1.31
N TYR A 48 11.41 -21.31 0.00
CA TYR A 48 12.52 -21.26 0.95
C TYR A 48 12.38 -22.38 1.97
N GLN A 49 13.48 -23.14 2.17
CA GLN A 49 13.53 -24.25 3.11
C GLN A 49 13.62 -23.76 4.58
N MET A 50 12.55 -23.98 5.35
CA MET A 50 12.49 -23.60 6.78
C MET A 50 13.05 -24.77 7.61
N LYS A 51 12.84 -24.76 8.96
CA LYS A 51 13.32 -25.84 9.85
C LYS A 51 12.82 -27.22 9.39
N LYS A 52 11.57 -27.28 8.83
CA LYS A 52 10.97 -28.52 8.34
C LYS A 52 10.13 -28.30 7.07
N VAL A 53 9.19 -27.35 7.11
CA VAL A 53 8.32 -27.05 5.96
C VAL A 53 9.06 -26.24 4.91
N VAL A 54 8.54 -26.21 3.67
CA VAL A 54 9.03 -25.34 2.61
C VAL A 54 8.03 -24.16 2.59
N LYS A 55 8.51 -22.93 2.40
CA LYS A 55 7.64 -21.76 2.40
C LYS A 55 7.66 -21.07 1.05
N THR A 56 6.48 -20.86 0.44
CA THR A 56 6.34 -20.18 -0.85
C THR A 56 6.63 -18.69 -0.62
N VAL A 57 7.48 -18.12 -1.46
CA VAL A 57 7.91 -16.73 -1.31
C VAL A 57 7.84 -15.89 -2.57
N ALA A 58 7.81 -14.56 -2.38
CA ALA A 58 7.88 -13.56 -3.42
C ALA A 58 9.21 -12.86 -3.15
N VAL A 59 10.10 -12.79 -4.16
CA VAL A 59 11.46 -12.27 -3.99
C VAL A 59 11.73 -11.07 -4.89
N LYS A 60 12.05 -9.92 -4.26
CA LYS A 60 12.38 -8.67 -4.93
C LYS A 60 13.89 -8.70 -5.18
N ILE A 61 14.28 -8.71 -6.48
CA ILE A 61 15.68 -8.80 -6.90
C ILE A 61 16.15 -7.52 -7.57
N LEU A 62 17.22 -6.92 -7.02
CA LEU A 62 17.80 -5.68 -7.54
C LEU A 62 18.46 -5.86 -8.91
N LYS A 63 18.32 -4.86 -9.78
CA LYS A 63 18.94 -4.91 -11.11
C LYS A 63 20.43 -4.62 -10.98
N ASN A 64 21.26 -5.56 -11.46
CA ASN A 64 22.72 -5.44 -11.42
C ASN A 64 23.24 -5.00 -12.81
N GLU A 65 22.45 -4.16 -13.51
CA GLU A 65 22.73 -3.62 -14.85
C GLU A 65 23.89 -2.61 -14.76
N ALA A 66 23.73 -1.58 -13.89
CA ALA A 66 24.72 -0.55 -13.61
C ALA A 66 24.85 -0.45 -12.09
N ASN A 67 26.10 -0.38 -11.57
CA ASN A 67 26.36 -0.32 -10.12
C ASN A 67 25.79 0.97 -9.50
N ASP A 68 24.67 0.82 -8.77
CA ASP A 68 23.93 1.93 -8.14
C ASP A 68 23.67 1.68 -6.64
N PRO A 69 24.37 2.42 -5.73
CA PRO A 69 24.15 2.20 -4.28
C PRO A 69 22.81 2.70 -3.76
N ALA A 70 22.14 3.63 -4.48
CA ALA A 70 20.84 4.20 -4.10
C ALA A 70 19.74 3.13 -4.02
N LEU A 71 19.73 2.16 -4.97
CA LEU A 71 18.76 1.06 -4.98
C LEU A 71 19.00 0.10 -3.81
N LYS A 72 20.29 -0.18 -3.49
CA LYS A 72 20.71 -1.04 -2.39
C LYS A 72 20.23 -0.48 -1.05
N ASP A 73 20.47 0.83 -0.81
CA ASP A 73 20.07 1.54 0.40
C ASP A 73 18.55 1.56 0.56
N GLU A 74 17.81 1.75 -0.54
CA GLU A 74 16.34 1.75 -0.57
C GLU A 74 15.80 0.38 -0.15
N LEU A 75 16.40 -0.71 -0.69
CA LEU A 75 16.00 -2.08 -0.36
C LEU A 75 16.27 -2.43 1.10
N LEU A 76 17.44 -2.02 1.64
CA LEU A 76 17.83 -2.24 3.03
C LEU A 76 16.92 -1.44 4.01
N ALA A 77 16.54 -0.20 3.62
CA ALA A 77 15.65 0.64 4.44
C ALA A 77 14.25 0.01 4.52
N GLU A 78 13.75 -0.51 3.38
CA GLU A 78 12.47 -1.23 3.22
C GLU A 78 12.47 -2.48 4.14
N ALA A 79 13.56 -3.27 4.11
CA ALA A 79 13.76 -4.47 4.95
C ALA A 79 13.71 -4.08 6.44
N ASN A 80 14.39 -2.97 6.82
CA ASN A 80 14.41 -2.44 8.19
C ASN A 80 13.01 -2.07 8.72
N VAL A 81 12.13 -1.51 7.85
CA VAL A 81 10.74 -1.18 8.22
C VAL A 81 9.95 -2.49 8.44
N MET A 82 9.97 -3.39 7.42
CA MET A 82 9.24 -4.67 7.43
C MET A 82 9.58 -5.53 8.63
N GLN A 83 10.89 -5.58 9.02
CA GLN A 83 11.41 -6.30 10.19
C GLN A 83 10.72 -5.88 11.50
N GLN A 84 10.41 -4.58 11.66
CA GLN A 84 9.77 -4.03 12.85
C GLN A 84 8.25 -4.29 12.98
N LEU A 85 7.60 -4.74 11.90
CA LEU A 85 6.15 -4.96 11.83
C LEU A 85 5.67 -6.38 12.06
N ASP A 86 4.59 -6.51 12.83
CA ASP A 86 4.01 -7.80 13.19
C ASP A 86 2.49 -7.69 13.33
N ASN A 87 1.79 -7.99 12.22
CA ASN A 87 0.33 -7.87 12.15
C ASN A 87 -0.23 -8.77 11.05
N PRO A 88 -1.43 -9.38 11.24
CA PRO A 88 -1.99 -10.26 10.19
C PRO A 88 -2.34 -9.60 8.85
N TYR A 89 -2.46 -8.27 8.82
CA TYR A 89 -2.84 -7.51 7.61
C TYR A 89 -1.69 -6.78 6.93
N ILE A 90 -0.45 -7.20 7.24
CA ILE A 90 0.77 -6.63 6.66
C ILE A 90 1.62 -7.80 6.13
N VAL A 91 2.17 -7.68 4.91
CA VAL A 91 3.05 -8.71 4.31
C VAL A 91 4.29 -8.89 5.23
N ARG A 92 4.59 -10.14 5.61
CA ARG A 92 5.73 -10.50 6.47
C ARG A 92 7.01 -10.69 5.65
N MET A 93 8.13 -10.12 6.11
CA MET A 93 9.42 -10.33 5.44
C MET A 93 10.06 -11.62 6.03
N ILE A 94 10.65 -12.47 5.18
CA ILE A 94 11.36 -13.66 5.68
C ILE A 94 12.80 -13.24 6.05
N GLY A 95 13.41 -12.45 5.17
CA GLY A 95 14.76 -11.93 5.39
C GLY A 95 15.36 -11.43 4.09
N ILE A 96 16.68 -11.21 4.11
CA ILE A 96 17.40 -10.70 2.95
C ILE A 96 18.50 -11.69 2.52
N CYS A 97 18.92 -11.62 1.24
CA CYS A 97 19.97 -12.48 0.69
C CYS A 97 20.92 -11.70 -0.24
N GLU A 98 22.25 -11.86 -0.06
CA GLU A 98 23.25 -11.23 -0.93
C GLU A 98 23.92 -12.33 -1.78
N ALA A 99 23.56 -12.40 -3.06
CA ALA A 99 24.12 -13.40 -3.99
C ALA A 99 24.32 -12.78 -5.39
N GLU A 100 23.67 -13.31 -6.46
CA GLU A 100 23.77 -12.74 -7.82
C GLU A 100 23.40 -11.25 -7.85
N SER A 101 22.62 -10.80 -6.84
CA SER A 101 22.15 -9.44 -6.56
C SER A 101 21.56 -9.39 -5.13
N TRP A 102 21.14 -8.20 -4.65
CA TRP A 102 20.52 -8.05 -3.33
C TRP A 102 19.05 -8.47 -3.47
N MET A 103 18.58 -9.35 -2.57
CA MET A 103 17.22 -9.89 -2.62
C MET A 103 16.44 -9.70 -1.31
N LEU A 104 15.16 -9.29 -1.41
CA LEU A 104 14.27 -9.13 -0.27
C LEU A 104 13.22 -10.24 -0.41
N VAL A 105 13.23 -11.20 0.53
CA VAL A 105 12.38 -12.41 0.48
C VAL A 105 11.17 -12.25 1.38
N MET A 106 9.97 -12.32 0.78
CA MET A 106 8.70 -12.11 1.49
C MET A 106 7.79 -13.33 1.38
N GLU A 107 6.87 -13.49 2.35
CA GLU A 107 5.84 -14.52 2.32
C GLU A 107 4.95 -14.19 1.09
N MET A 108 4.70 -15.18 0.24
CA MET A 108 3.92 -14.98 -0.97
C MET A 108 2.42 -14.69 -0.66
N ALA A 109 1.83 -13.68 -1.33
CA ALA A 109 0.38 -13.41 -1.29
C ALA A 109 -0.04 -13.83 -2.72
N GLU A 110 -0.50 -15.10 -2.84
CA GLU A 110 -0.81 -15.80 -4.10
C GLU A 110 -1.70 -15.11 -5.14
N LEU A 111 -2.77 -14.42 -4.70
CA LEU A 111 -3.70 -13.78 -5.64
C LEU A 111 -3.29 -12.40 -6.20
N GLY A 112 -2.22 -11.81 -5.66
CA GLY A 112 -1.67 -10.55 -6.17
C GLY A 112 -2.39 -9.25 -5.87
N PRO A 113 -2.02 -8.19 -6.64
CA PRO A 113 -2.58 -6.84 -6.42
C PRO A 113 -4.09 -6.75 -6.54
N LEU A 114 -4.70 -6.01 -5.60
CA LEU A 114 -6.14 -5.82 -5.47
C LEU A 114 -6.79 -5.17 -6.72
N ASN A 115 -6.14 -4.14 -7.31
CA ASN A 115 -6.67 -3.48 -8.51
C ASN A 115 -6.75 -4.44 -9.71
N LYS A 116 -5.68 -5.21 -9.94
CA LYS A 116 -5.63 -6.21 -11.02
C LYS A 116 -6.64 -7.33 -10.76
N TYR A 117 -6.81 -7.73 -9.50
CA TYR A 117 -7.76 -8.78 -9.14
C TYR A 117 -9.18 -8.36 -9.52
N LEU A 118 -9.58 -7.18 -9.05
CA LEU A 118 -10.93 -6.65 -9.28
C LEU A 118 -11.20 -6.34 -10.74
N GLN A 119 -10.16 -5.94 -11.52
CA GLN A 119 -10.28 -5.69 -12.97
C GLN A 119 -10.66 -7.01 -13.68
N GLN A 120 -10.13 -8.16 -13.18
CA GLN A 120 -10.33 -9.50 -13.73
C GLN A 120 -11.50 -10.28 -13.10
N ASN A 121 -12.08 -9.77 -12.01
CA ASN A 121 -13.16 -10.41 -11.28
C ASN A 121 -14.22 -9.36 -10.97
N ARG A 122 -14.92 -8.93 -12.01
CA ARG A 122 -15.92 -7.86 -11.95
C ARG A 122 -17.23 -8.21 -11.25
N HIS A 123 -17.41 -9.47 -10.88
CA HIS A 123 -18.62 -9.94 -10.18
C HIS A 123 -18.43 -10.12 -8.66
N VAL A 124 -17.30 -9.61 -8.10
CA VAL A 124 -17.03 -9.61 -6.65
C VAL A 124 -18.12 -8.70 -6.00
N LYS A 125 -18.75 -9.18 -4.93
CA LYS A 125 -19.85 -8.51 -4.24
C LYS A 125 -19.38 -7.33 -3.40
N ASP A 126 -20.27 -6.32 -3.20
CA ASP A 126 -19.93 -5.14 -2.38
C ASP A 126 -19.57 -5.52 -0.93
N LYS A 127 -20.23 -6.58 -0.39
CA LYS A 127 -19.97 -7.13 0.95
C LYS A 127 -18.49 -7.61 1.05
N ASN A 128 -17.98 -8.27 -0.01
CA ASN A 128 -16.61 -8.80 -0.11
C ASN A 128 -15.60 -7.64 -0.25
N ILE A 129 -15.97 -6.56 -0.97
CA ILE A 129 -15.09 -5.39 -1.08
C ILE A 129 -14.96 -4.69 0.28
N ILE A 130 -16.09 -4.51 1.00
CA ILE A 130 -16.10 -3.90 2.34
C ILE A 130 -15.20 -4.70 3.27
N GLU A 131 -15.29 -6.04 3.23
CA GLU A 131 -14.49 -6.95 4.04
C GLU A 131 -12.99 -6.68 3.83
N LEU A 132 -12.56 -6.61 2.56
CA LEU A 132 -11.15 -6.38 2.19
C LEU A 132 -10.64 -4.99 2.59
N VAL A 133 -11.42 -3.91 2.32
CA VAL A 133 -11.01 -2.54 2.72
C VAL A 133 -10.97 -2.39 4.25
N HIS A 134 -11.85 -3.12 4.97
CA HIS A 134 -11.81 -3.08 6.43
C HIS A 134 -10.52 -3.75 6.96
N GLN A 135 -10.07 -4.83 6.31
CA GLN A 135 -8.83 -5.54 6.68
C GLN A 135 -7.64 -4.58 6.50
N VAL A 136 -7.64 -3.81 5.40
CA VAL A 136 -6.60 -2.77 5.14
C VAL A 136 -6.64 -1.70 6.26
N SER A 137 -7.85 -1.28 6.68
CA SER A 137 -7.97 -0.30 7.79
C SER A 137 -7.42 -0.86 9.11
N MET A 138 -7.57 -2.17 9.37
CA MET A 138 -7.03 -2.81 10.58
C MET A 138 -5.48 -2.78 10.52
N GLY A 139 -4.91 -3.09 9.36
CA GLY A 139 -3.46 -2.99 9.16
C GLY A 139 -2.94 -1.57 9.35
N MET A 140 -3.67 -0.58 8.78
CA MET A 140 -3.30 0.84 8.91
C MET A 140 -3.47 1.37 10.33
N LYS A 141 -4.50 0.87 11.06
CA LYS A 141 -4.68 1.22 12.48
C LYS A 141 -3.40 0.82 13.29
N TYR A 142 -2.84 -0.37 12.98
CA TYR A 142 -1.63 -0.90 13.59
C TYR A 142 -0.40 -0.07 13.20
N LEU A 143 -0.23 0.27 11.89
CA LEU A 143 0.91 1.10 11.47
C LEU A 143 0.89 2.47 12.16
N GLU A 144 -0.32 3.08 12.31
CA GLU A 144 -0.50 4.37 12.97
C GLU A 144 -0.08 4.24 14.46
N GLU A 145 -0.57 3.19 15.16
CA GLU A 145 -0.21 2.88 16.56
C GLU A 145 1.31 2.73 16.67
N SER A 146 1.94 2.09 15.66
CA SER A 146 3.40 1.85 15.61
C SER A 146 4.25 3.08 15.19
N ASN A 147 3.58 4.21 14.81
CA ASN A 147 4.24 5.45 14.36
C ASN A 147 5.10 5.33 13.11
N PHE A 148 4.59 4.56 12.13
CA PHE A 148 5.19 4.48 10.82
C PHE A 148 4.21 5.11 9.84
N VAL A 149 4.74 5.81 8.86
CA VAL A 149 3.95 6.39 7.77
C VAL A 149 4.20 5.52 6.54
N HIS A 150 3.12 5.12 5.82
CA HIS A 150 3.30 4.22 4.66
C HIS A 150 3.83 4.97 3.42
N ARG A 151 3.15 6.05 3.02
CA ARG A 151 3.51 6.94 1.88
C ARG A 151 3.33 6.37 0.47
N ASP A 152 2.73 5.18 0.35
CA ASP A 152 2.40 4.62 -0.99
C ASP A 152 1.16 3.72 -0.88
N LEU A 153 0.17 4.17 -0.13
CA LEU A 153 -1.01 3.35 0.11
C LEU A 153 -1.95 3.52 -1.05
N ALA A 154 -2.09 2.45 -1.82
CA ALA A 154 -2.87 2.41 -3.06
C ALA A 154 -3.34 0.98 -3.30
N ALA A 155 -4.42 0.81 -4.10
CA ALA A 155 -4.96 -0.52 -4.42
C ALA A 155 -3.91 -1.49 -5.00
N ARG A 156 -2.94 -1.00 -5.80
CA ARG A 156 -1.84 -1.79 -6.38
C ARG A 156 -0.94 -2.39 -5.29
N ASN A 157 -0.91 -1.76 -4.09
CA ASN A 157 -0.10 -2.17 -2.94
C ASN A 157 -0.84 -2.94 -1.87
N VAL A 158 -2.07 -3.35 -2.17
CA VAL A 158 -2.86 -4.25 -1.33
C VAL A 158 -2.78 -5.61 -2.08
N LEU A 159 -2.25 -6.65 -1.42
CA LEU A 159 -2.08 -7.99 -2.00
C LEU A 159 -3.02 -8.97 -1.37
N LEU A 160 -3.59 -9.88 -2.18
CA LEU A 160 -4.56 -10.84 -1.70
C LEU A 160 -3.97 -12.20 -1.39
N VAL A 161 -4.20 -12.71 -0.16
CA VAL A 161 -3.78 -14.06 0.24
C VAL A 161 -4.86 -15.01 -0.34
N THR A 162 -6.14 -14.65 -0.14
CA THR A 162 -7.34 -15.32 -0.69
C THR A 162 -8.28 -14.20 -1.12
N GLN A 163 -9.44 -14.55 -1.69
CA GLN A 163 -10.49 -13.60 -2.09
C GLN A 163 -11.06 -12.86 -0.86
N HIS A 164 -10.84 -13.40 0.37
CA HIS A 164 -11.31 -12.86 1.65
C HIS A 164 -10.22 -12.47 2.64
N TYR A 165 -8.97 -12.26 2.17
CA TYR A 165 -7.87 -11.92 3.06
C TYR A 165 -6.85 -11.02 2.34
N ALA A 166 -6.86 -9.71 2.68
CA ALA A 166 -5.96 -8.71 2.11
C ALA A 166 -4.81 -8.35 3.07
N LYS A 167 -3.63 -8.03 2.51
CA LYS A 167 -2.45 -7.57 3.27
C LYS A 167 -1.87 -6.31 2.62
N ILE A 168 -1.28 -5.42 3.43
CA ILE A 168 -0.62 -4.22 2.93
C ILE A 168 0.81 -4.58 2.58
N SER A 169 1.29 -4.08 1.45
CA SER A 169 2.67 -4.32 1.04
C SER A 169 3.37 -3.03 0.58
N ASP A 170 4.60 -3.19 0.08
CA ASP A 170 5.42 -2.14 -0.52
C ASP A 170 5.72 -0.98 0.42
N PHE A 171 6.72 -1.21 1.26
CA PHE A 171 7.22 -0.24 2.25
C PHE A 171 8.43 0.56 1.74
N GLY A 172 8.56 0.66 0.41
CA GLY A 172 9.61 1.39 -0.30
C GLY A 172 9.74 2.87 0.03
N LEU A 173 8.61 3.58 0.30
CA LEU A 173 8.62 5.01 0.65
C LEU A 173 8.30 5.22 2.15
N SER A 174 8.16 4.12 2.93
CA SER A 174 7.78 4.20 4.34
C SER A 174 8.84 4.81 5.27
N LYS A 175 8.39 5.47 6.34
CA LYS A 175 9.28 6.10 7.30
C LYS A 175 8.85 5.82 8.71
N ALA A 176 9.83 5.56 9.61
CA ALA A 176 9.61 5.42 11.05
C ALA A 176 9.61 6.84 11.57
N LEU A 177 8.54 7.26 12.25
CA LEU A 177 8.52 8.65 12.73
C LEU A 177 9.47 8.88 13.91
N ARG A 178 10.05 10.07 13.97
CA ARG A 178 10.91 10.50 15.07
C ARG A 178 10.08 10.56 16.35
N ALA A 179 10.66 10.20 17.52
CA ALA A 179 9.96 10.20 18.82
C ALA A 179 9.36 11.56 19.21
N ASP A 180 9.87 12.67 18.63
CA ASP A 180 9.43 14.04 18.94
C ASP A 180 8.53 14.69 17.84
N GLU A 181 8.12 13.92 16.83
CA GLU A 181 7.29 14.43 15.72
C GLU A 181 6.20 13.48 15.30
N ASN A 182 5.07 14.06 14.88
CA ASN A 182 3.87 13.37 14.39
C ASN A 182 3.86 13.27 12.85
N PTR A 183 4.90 13.79 12.19
CA PTR A 183 4.99 13.76 10.75
C PTR A 183 6.43 13.68 10.28
O PTR A 183 7.35 14.04 11.02
CB PTR A 183 4.32 15.01 10.03
CG PTR A 183 5.02 16.33 10.45
CD1 PTR A 183 6.14 16.76 9.71
CD2 PTR A 183 4.60 17.08 11.59
CE1 PTR A 183 6.83 17.90 10.08
CE2 PTR A 183 5.30 18.25 11.95
CZ PTR A 183 6.42 18.67 11.18
OH PTR A 183 7.23 19.75 11.46
P PTR A 183 6.66 21.15 11.81
O1P PTR A 183 5.49 21.06 12.80
O2P PTR A 183 7.86 21.89 12.43
O3P PTR A 183 6.30 21.83 10.51
N PTR A 184 6.61 13.23 9.03
CA PTR A 184 7.91 13.19 8.39
C PTR A 184 7.95 14.31 7.35
O PTR A 184 7.05 14.40 6.50
CB PTR A 184 8.12 11.84 7.68
CG PTR A 184 9.21 11.82 6.62
CD1 PTR A 184 10.58 11.72 7.00
CD2 PTR A 184 8.85 11.88 5.27
CE1 PTR A 184 11.57 11.69 6.01
CE2 PTR A 184 9.84 11.83 4.28
CZ PTR A 184 11.20 11.74 4.63
OH PTR A 184 12.02 11.69 3.56
P PTR A 184 13.55 11.68 3.71
O1P PTR A 184 14.05 10.43 4.44
O2P PTR A 184 14.08 12.93 4.43
O3P PTR A 184 14.08 11.66 2.28
N LYS A 185 8.99 15.16 7.40
CA LYS A 185 9.14 16.25 6.45
C LYS A 185 10.14 15.82 5.40
N ALA A 186 9.68 15.65 4.14
CA ALA A 186 10.56 15.25 3.05
C ALA A 186 11.42 16.45 2.69
N GLN A 187 12.72 16.20 2.42
CA GLN A 187 13.67 17.28 2.11
C GLN A 187 13.46 17.84 0.72
N THR A 188 13.40 16.94 -0.28
CA THR A 188 13.17 17.28 -1.68
C THR A 188 12.08 16.37 -2.25
N HIS A 189 11.25 16.92 -3.15
CA HIS A 189 10.18 16.20 -3.85
C HIS A 189 10.88 15.26 -4.86
N GLY A 190 10.41 14.02 -4.93
CA GLY A 190 10.94 13.01 -5.85
C GLY A 190 9.85 12.44 -6.74
N LYS A 191 10.04 11.22 -7.28
CA LYS A 191 9.01 10.56 -8.09
C LYS A 191 7.92 10.05 -7.12
N TRP A 192 6.82 10.81 -6.98
CA TRP A 192 5.76 10.52 -6.01
C TRP A 192 4.41 10.07 -6.62
N PRO A 193 3.63 9.19 -5.92
CA PRO A 193 2.27 8.84 -6.41
C PRO A 193 1.29 9.97 -6.06
N VAL A 194 1.45 11.14 -6.72
CA VAL A 194 0.69 12.38 -6.46
C VAL A 194 -0.85 12.25 -6.35
N LYS A 195 -1.47 11.38 -7.19
CA LYS A 195 -2.93 11.17 -7.14
C LYS A 195 -3.39 10.54 -5.82
N TRP A 196 -2.47 9.91 -5.06
CA TRP A 196 -2.85 9.32 -3.78
C TRP A 196 -2.49 10.23 -2.59
N TYR A 197 -1.85 11.40 -2.86
CA TYR A 197 -1.34 12.29 -1.81
C TYR A 197 -2.27 13.41 -1.35
N ALA A 198 -2.24 13.69 -0.04
CA ALA A 198 -3.03 14.73 0.61
C ALA A 198 -2.47 16.12 0.32
N PRO A 199 -3.30 17.21 0.44
CA PRO A 199 -2.81 18.57 0.13
C PRO A 199 -1.59 19.04 0.94
N GLU A 200 -1.49 18.69 2.23
CA GLU A 200 -0.30 19.03 3.06
C GLU A 200 0.98 18.32 2.53
N CYS A 201 0.84 17.16 1.82
CA CYS A 201 2.00 16.43 1.24
C CYS A 201 2.53 17.20 0.04
N ILE A 202 1.61 17.66 -0.83
CA ILE A 202 1.95 18.42 -2.04
C ILE A 202 2.41 19.83 -1.67
N ASN A 203 1.72 20.49 -0.74
CA ASN A 203 2.00 21.89 -0.37
C ASN A 203 3.11 22.12 0.65
N TYR A 204 3.28 21.20 1.61
CA TYR A 204 4.27 21.35 2.71
C TYR A 204 5.29 20.19 2.85
N TYR A 205 5.19 19.15 1.99
CA TYR A 205 6.06 17.95 2.03
C TYR A 205 5.98 17.22 3.38
N LYS A 206 4.85 17.37 4.10
CA LYS A 206 4.63 16.77 5.41
C LYS A 206 3.76 15.51 5.32
N PHE A 207 4.24 14.40 5.90
CA PHE A 207 3.55 13.11 5.82
C PHE A 207 3.26 12.58 7.23
N SER A 208 2.01 12.38 7.56
CA SER A 208 1.57 11.85 8.86
C SER A 208 0.66 10.65 8.64
N SER A 209 0.16 10.01 9.70
CA SER A 209 -0.77 8.91 9.53
C SER A 209 -2.09 9.45 8.92
N LYS A 210 -2.46 10.75 9.22
CA LYS A 210 -3.63 11.42 8.63
C LYS A 210 -3.47 11.58 7.11
N SER A 211 -2.23 11.83 6.63
CA SER A 211 -1.90 11.87 5.20
C SER A 211 -2.20 10.46 4.59
N ASP A 212 -1.88 9.38 5.33
CA ASP A 212 -2.16 8.02 4.87
C ASP A 212 -3.68 7.78 4.84
N VAL A 213 -4.46 8.44 5.74
CA VAL A 213 -5.94 8.31 5.72
C VAL A 213 -6.48 8.88 4.36
N TRP A 214 -5.91 10.01 3.88
CA TRP A 214 -6.30 10.58 2.61
C TRP A 214 -6.11 9.52 1.51
N SER A 215 -4.91 8.89 1.45
CA SER A 215 -4.59 7.82 0.47
C SER A 215 -5.58 6.67 0.55
N PHE A 216 -5.96 6.29 1.79
CA PHE A 216 -6.94 5.21 2.05
C PHE A 216 -8.30 5.54 1.40
N GLY A 217 -8.67 6.83 1.36
CA GLY A 217 -9.90 7.28 0.72
C GLY A 217 -9.85 6.99 -0.76
N VAL A 218 -8.69 7.29 -1.38
CA VAL A 218 -8.45 7.03 -2.81
C VAL A 218 -8.48 5.51 -3.06
N LEU A 219 -7.87 4.73 -2.16
CA LEU A 219 -7.83 3.26 -2.25
C LEU A 219 -9.26 2.68 -2.22
N MET A 220 -10.12 3.20 -1.32
CA MET A 220 -11.54 2.80 -1.24
C MET A 220 -12.23 3.06 -2.57
N TRP A 221 -12.02 4.26 -3.16
CA TRP A 221 -12.59 4.63 -4.46
C TRP A 221 -12.19 3.61 -5.53
N GLU A 222 -10.89 3.25 -5.59
CA GLU A 222 -10.36 2.29 -6.56
C GLU A 222 -11.03 0.91 -6.44
N ALA A 223 -11.21 0.45 -5.19
CA ALA A 223 -11.81 -0.85 -4.84
C ALA A 223 -13.27 -0.94 -5.21
N PHE A 224 -14.05 0.13 -4.94
CA PHE A 224 -15.46 0.16 -5.33
C PHE A 224 -15.65 0.42 -6.83
N SER A 225 -14.57 0.86 -7.52
CA SER A 225 -14.55 1.11 -8.98
C SER A 225 -13.90 -0.08 -9.70
N TYR A 226 -13.76 -1.21 -8.98
CA TYR A 226 -13.17 -2.45 -9.50
C TYR A 226 -11.80 -2.26 -10.16
N GLY A 227 -10.93 -1.54 -9.47
CA GLY A 227 -9.56 -1.32 -9.92
C GLY A 227 -9.35 -0.26 -10.98
N GLN A 228 -10.34 0.61 -11.25
CA GLN A 228 -10.15 1.70 -12.22
C GLN A 228 -9.14 2.72 -11.65
N LYS A 229 -8.35 3.37 -12.52
CA LYS A 229 -7.35 4.37 -12.10
C LYS A 229 -8.08 5.61 -11.56
N PRO A 230 -7.65 6.24 -10.45
CA PRO A 230 -8.35 7.45 -9.99
C PRO A 230 -8.00 8.66 -10.87
N TYR A 231 -8.87 9.67 -10.86
CA TYR A 231 -8.72 10.96 -11.58
C TYR A 231 -8.34 10.70 -13.05
N ARG A 232 -9.13 9.79 -13.72
CA ARG A 232 -8.94 9.36 -15.10
C ARG A 232 -8.71 10.55 -16.04
N GLY A 233 -7.68 10.46 -16.85
CA GLY A 233 -7.34 11.47 -17.86
C GLY A 233 -6.65 12.72 -17.36
N MET A 234 -6.46 12.84 -16.05
CA MET A 234 -5.88 14.05 -15.47
C MET A 234 -4.43 13.91 -15.09
N LYS A 235 -3.69 15.03 -15.15
CA LYS A 235 -2.28 15.16 -14.74
C LYS A 235 -2.28 15.50 -13.24
N GLY A 236 -1.16 15.28 -12.55
CA GLY A 236 -1.00 15.60 -11.13
C GLY A 236 -1.40 17.03 -10.78
N SER A 237 -0.94 18.02 -11.58
CA SER A 237 -1.26 19.46 -11.39
C SER A 237 -2.74 19.79 -11.51
N GLU A 238 -3.45 19.09 -12.44
CA GLU A 238 -4.90 19.27 -12.61
C GLU A 238 -5.66 18.72 -11.40
N VAL A 239 -5.15 17.65 -10.78
CA VAL A 239 -5.78 17.07 -9.58
C VAL A 239 -5.66 18.08 -8.42
N THR A 240 -4.45 18.62 -8.22
CA THR A 240 -4.21 19.61 -7.15
C THR A 240 -5.18 20.79 -7.32
N ALA A 241 -5.32 21.30 -8.57
CA ALA A 241 -6.22 22.39 -8.91
C ALA A 241 -7.68 22.03 -8.59
N MET A 242 -8.11 20.78 -8.95
CA MET A 242 -9.46 20.25 -8.69
C MET A 242 -9.73 20.21 -7.18
N LEU A 243 -8.80 19.64 -6.40
CA LEU A 243 -8.96 19.53 -4.93
C LEU A 243 -9.01 20.89 -4.26
N GLU A 244 -8.20 21.83 -4.75
CA GLU A 244 -8.17 23.20 -4.23
C GLU A 244 -9.49 23.96 -4.44
N LYS A 245 -10.29 23.57 -5.46
CA LYS A 245 -11.61 24.11 -5.80
C LYS A 245 -12.74 23.48 -4.97
N GLY A 246 -12.38 22.55 -4.07
CA GLY A 246 -13.33 21.83 -3.22
C GLY A 246 -14.00 20.68 -3.94
N GLU A 247 -13.50 20.30 -5.12
CA GLU A 247 -14.11 19.19 -5.87
C GLU A 247 -13.47 17.85 -5.54
N ARG A 248 -14.31 16.80 -5.53
CA ARG A 248 -13.90 15.41 -5.26
C ARG A 248 -14.51 14.46 -6.31
N MET A 249 -13.87 13.29 -6.50
CA MET A 249 -14.37 12.25 -7.40
C MET A 249 -15.76 11.85 -6.95
N GLY A 250 -16.61 11.52 -7.92
CA GLY A 250 -17.97 11.05 -7.68
C GLY A 250 -18.06 9.66 -7.10
N CYS A 251 -19.27 9.25 -6.76
CA CYS A 251 -19.55 7.94 -6.18
C CYS A 251 -19.49 6.86 -7.26
N PRO A 252 -18.65 5.80 -7.11
CA PRO A 252 -18.61 4.73 -8.14
C PRO A 252 -19.97 4.01 -8.28
N ALA A 253 -20.30 3.48 -9.48
CA ALA A 253 -21.56 2.74 -9.72
C ALA A 253 -21.72 1.59 -8.74
N GLY A 254 -22.86 1.56 -8.04
CA GLY A 254 -23.20 0.53 -7.05
C GLY A 254 -22.52 0.66 -5.70
N CYS A 255 -21.73 1.74 -5.48
CA CYS A 255 -21.04 1.91 -4.20
C CYS A 255 -22.04 2.37 -3.14
N PRO A 256 -22.12 1.70 -1.96
CA PRO A 256 -23.07 2.15 -0.92
C PRO A 256 -22.78 3.59 -0.49
N ARG A 257 -23.84 4.37 -0.21
CA ARG A 257 -23.71 5.78 0.21
C ARG A 257 -22.83 5.96 1.46
N GLU A 258 -22.93 5.04 2.43
CA GLU A 258 -22.15 5.06 3.66
C GLU A 258 -20.63 4.92 3.34
N MET A 259 -20.29 4.15 2.30
CA MET A 259 -18.88 3.99 1.88
C MET A 259 -18.37 5.22 1.14
N TYR A 260 -19.24 5.87 0.35
CA TYR A 260 -18.86 7.10 -0.33
C TYR A 260 -18.70 8.25 0.68
N ASP A 261 -19.57 8.29 1.71
CA ASP A 261 -19.51 9.26 2.80
C ASP A 261 -18.16 9.13 3.53
N LEU A 262 -17.71 7.88 3.77
CA LEU A 262 -16.43 7.58 4.43
C LEU A 262 -15.26 8.08 3.60
N MET A 263 -15.31 7.88 2.25
CA MET A 263 -14.29 8.36 1.30
C MET A 263 -14.16 9.87 1.41
N ASN A 264 -15.31 10.61 1.39
CA ASN A 264 -15.31 12.06 1.49
C ASN A 264 -14.70 12.56 2.82
N LEU A 265 -14.95 11.85 3.92
CA LEU A 265 -14.41 12.18 5.24
C LEU A 265 -12.88 11.98 5.27
N CYS A 266 -12.35 10.92 4.56
CA CYS A 266 -10.89 10.69 4.39
C CYS A 266 -10.30 11.85 3.57
N TRP A 267 -11.13 12.45 2.69
CA TRP A 267 -10.74 13.56 1.82
C TRP A 267 -11.00 14.97 2.46
N THR A 268 -10.92 15.07 3.80
CA THR A 268 -11.00 16.35 4.52
C THR A 268 -9.72 17.11 4.16
N TYR A 269 -9.87 18.33 3.59
CA TYR A 269 -8.74 19.18 3.16
C TYR A 269 -7.76 19.47 4.31
N ASP A 270 -8.30 19.87 5.46
CA ASP A 270 -7.48 20.23 6.61
C ASP A 270 -7.15 19.03 7.46
N VAL A 271 -5.85 18.70 7.49
CA VAL A 271 -5.25 17.57 8.21
C VAL A 271 -5.67 17.50 9.68
N GLU A 272 -5.84 18.68 10.34
CA GLU A 272 -6.24 18.75 11.76
C GLU A 272 -7.65 18.19 12.03
N ASN A 273 -8.59 18.39 11.09
CA ASN A 273 -9.97 17.91 11.18
C ASN A 273 -10.24 16.56 10.49
N ARG A 274 -9.24 16.00 9.78
CA ARG A 274 -9.36 14.69 9.11
C ARG A 274 -9.32 13.56 10.18
N PRO A 275 -10.14 12.48 10.09
CA PRO A 275 -10.01 11.40 11.10
C PRO A 275 -8.70 10.60 10.98
N GLY A 276 -8.36 9.92 12.08
CA GLY A 276 -7.23 9.00 12.19
C GLY A 276 -7.70 7.61 11.84
N PHE A 277 -6.80 6.60 11.79
CA PHE A 277 -7.21 5.22 11.43
C PHE A 277 -8.08 4.51 12.47
N ALA A 278 -7.95 4.87 13.77
CA ALA A 278 -8.82 4.29 14.80
C ALA A 278 -10.31 4.61 14.52
N ALA A 279 -10.64 5.87 14.18
CA ALA A 279 -12.00 6.33 13.85
C ALA A 279 -12.50 5.67 12.55
N VAL A 280 -11.63 5.64 11.51
CA VAL A 280 -11.94 5.04 10.19
C VAL A 280 -12.21 3.53 10.30
N GLU A 281 -11.32 2.76 11.00
CA GLU A 281 -11.49 1.31 11.18
C GLU A 281 -12.80 1.00 11.93
N LEU A 282 -13.11 1.78 12.99
CA LEU A 282 -14.35 1.57 13.77
C LEU A 282 -15.59 1.75 12.90
N ARG A 283 -15.62 2.84 12.09
CA ARG A 283 -16.71 3.12 11.15
C ARG A 283 -16.89 2.01 10.13
N LEU A 284 -15.77 1.46 9.60
CA LEU A 284 -15.81 0.33 8.66
C LEU A 284 -16.22 -0.95 9.34
N ARG A 285 -15.79 -1.16 10.59
CA ARG A 285 -16.11 -2.38 11.36
C ARG A 285 -17.62 -2.50 11.56
N ASN A 286 -18.27 -1.42 12.05
CA ASN A 286 -19.71 -1.38 12.31
C ASN A 286 -20.55 -1.49 11.06
N TYR A 287 -20.10 -0.88 9.95
CA TYR A 287 -20.83 -1.00 8.69
C TYR A 287 -20.79 -2.44 8.17
N TYR A 288 -19.60 -3.09 8.25
CA TYR A 288 -19.40 -4.48 7.83
C TYR A 288 -20.34 -5.45 8.57
N TYR A 289 -20.45 -5.30 9.92
CA TYR A 289 -21.34 -6.13 10.74
C TYR A 289 -22.81 -5.93 10.35
N ASP A 290 -23.20 -4.67 10.02
CA ASP A 290 -24.54 -4.30 9.55
C ASP A 290 -24.85 -5.02 8.23
N VAL A 291 -23.88 -5.01 7.28
CA VAL A 291 -24.00 -5.68 5.99
C VAL A 291 -24.12 -7.20 6.19
N VAL A 292 -23.26 -7.79 7.06
CA VAL A 292 -23.26 -9.22 7.41
C VAL A 292 -24.68 -9.66 7.88
N ASN A 293 -25.32 -8.86 8.76
CA ASN A 293 -26.67 -9.09 9.29
C ASN A 293 -27.77 -9.11 8.21
N HIS A 294 -27.62 -8.29 7.16
CA HIS A 294 -28.57 -8.25 6.04
C HIS A 294 -28.36 -9.47 5.13
N GLU B 1 2.79 7.80 -15.21
CA GLU B 1 1.35 7.99 -15.01
C GLU B 1 0.91 7.82 -13.54
N VAL B 2 1.68 7.03 -12.78
CA VAL B 2 1.42 6.76 -11.37
C VAL B 2 2.37 7.60 -10.52
N PTR B 3 3.66 7.57 -10.83
CA PTR B 3 4.70 8.32 -10.11
C PTR B 3 5.13 9.51 -10.94
O PTR B 3 5.63 9.34 -12.05
CB PTR B 3 5.97 7.48 -9.90
CG PTR B 3 5.59 6.41 -8.96
CD1 PTR B 3 5.30 5.15 -9.47
CD2 PTR B 3 5.50 6.72 -7.60
CE1 PTR B 3 4.89 4.15 -8.61
CE2 PTR B 3 5.12 5.72 -6.73
CZ PTR B 3 4.82 4.44 -7.21
OH PTR B 3 4.43 3.55 -6.26
P PTR B 3 4.70 2.11 -6.56
O1P PTR B 3 3.77 1.40 -5.57
O2P PTR B 3 4.34 1.79 -8.02
O3P PTR B 3 6.18 1.72 -6.30
N GLU B 4 4.91 10.72 -10.40
CA GLU B 4 5.28 11.96 -11.07
C GLU B 4 6.50 12.61 -10.41
N SER B 5 7.46 13.04 -11.24
CA SER B 5 8.68 13.73 -10.80
C SER B 5 8.38 15.24 -10.64
N PRO B 6 9.10 16.00 -9.77
CA PRO B 6 8.78 17.44 -9.64
C PRO B 6 9.37 18.31 -10.75
N2 50H C . 3.91 -9.65 -5.74
C6 50H C . 5.23 -8.68 -3.99
C9 50H C . 7.00 -4.32 -6.25
C13 50H C . 5.91 -6.51 -5.75
C20 50H C . 0.30 -12.92 -7.98
C18 50H C . 0.38 -11.96 -8.97
C16 50H C . 1.17 -10.84 -8.79
C26 50H C . 6.04 -5.69 -8.02
C27 50H C . 5.38 -6.83 -8.46
C25 50H C . 5.00 -7.79 -7.53
C22 50H C . 1.01 -12.75 -6.80
C15 50H C . 1.89 -10.69 -7.60
C12 50H C . 4.16 -10.96 -1.55
C14 50H C . 4.96 -9.88 -1.85
C10 50H C . 5.26 -7.65 -6.19
C11 50H C . 6.30 -5.55 -6.68
C17 50H C . 1.81 -11.64 -6.60
C3 50H C . 3.85 -10.56 -3.62
C5 50H C . 4.80 -8.70 -5.26
C1 50H C . 3.40 -10.57 -4.97
C29 50H C . -1.54 -12.76 -10.07
C28 50H C . 2.23 -8.94 -9.64
N7 50H C . 3.47 -11.38 -2.67
N4 50H C . 4.74 -9.64 -3.17
N21 50H C . 7.71 -4.42 -5.08
N8 50H C . 2.51 -11.56 -5.37
O19 50H C . 6.92 -3.30 -6.95
O24 50H C . -0.30 -12.07 -10.19
O23 50H C . 1.21 -9.91 -9.84
#